data_4YQ9
#
_entry.id   4YQ9
#
_cell.length_a   94.738
_cell.length_b   94.738
_cell.length_c   177.726
_cell.angle_alpha   90.000
_cell.angle_beta   90.000
_cell.angle_gamma   120.000
#
_symmetry.space_group_name_H-M   'H 3 2'
#
loop_
_entity.id
_entity.type
_entity.pdbx_description
1 polymer 'tRNA (guanine-N(1)-)-methyltransferase'
2 non-polymer 6-(cyclopentylamino)pyridine-3-carboxamide
3 water water
#
_entity_poly.entity_id   1
_entity_poly.type   'polypeptide(L)'
_entity_poly.pdbx_seq_one_letter_code
;GLVPRGSHMWIGVISLFPEMFKAITEFGVTGRAVKHNLLKVECWNPRDFTFDKHKTVDDRPYGGGPGMLMMVQPLRDAIH
TAKAAAGEGAKVIYLSPQGRKLDQGGVTELAQNQKLILVCGRYEGIDERLIQTEIDEEWSIGDYVLTGGELPAMTLIDAV
ARFIPGVLGKQASAEEDSFADGLLDCPHYTRPEVLEGLTVPPVLMSGHHEEIRKWRLKQSLQRTWLRRPELLEGLALTDE
QRKLLKEAQAEHNS
;
_entity_poly.pdbx_strand_id   A
#
loop_
_chem_comp.id
_chem_comp.type
_chem_comp.name
_chem_comp.formula
4GO non-polymer 6-(cyclopentylamino)pyridine-3-carboxamide 'C11 H15 N3 O'
#
# COMPACT_ATOMS: atom_id res chain seq x y z
N LEU A 2 -4.82 -20.94 -19.30
CA LEU A 2 -5.23 -19.73 -18.57
C LEU A 2 -4.59 -19.64 -17.18
N VAL A 3 -4.47 -18.42 -16.67
CA VAL A 3 -3.69 -18.13 -15.48
C VAL A 3 -4.45 -18.38 -14.16
N PRO A 4 -3.86 -19.22 -13.27
CA PRO A 4 -4.48 -19.53 -11.98
C PRO A 4 -4.79 -18.28 -11.14
N ARG A 5 -6.08 -18.05 -10.88
CA ARG A 5 -6.53 -16.83 -10.21
C ARG A 5 -7.38 -17.11 -8.96
N GLY A 6 -7.06 -18.18 -8.25
CA GLY A 6 -7.83 -18.60 -7.09
C GLY A 6 -8.08 -17.50 -6.07
N SER A 7 -7.02 -16.83 -5.65
CA SER A 7 -7.14 -15.81 -4.62
C SER A 7 -7.19 -14.42 -5.22
N HIS A 8 -7.82 -14.29 -6.38
CA HIS A 8 -7.92 -13.00 -7.02
C HIS A 8 -8.59 -12.01 -6.09
N MET A 9 -8.34 -10.75 -6.37
CA MET A 9 -8.84 -9.69 -5.54
CA MET A 9 -8.85 -9.68 -5.53
C MET A 9 -9.58 -8.69 -6.39
N TRP A 10 -10.70 -8.20 -5.86
CA TRP A 10 -11.44 -7.15 -6.54
C TRP A 10 -11.38 -5.90 -5.68
N ILE A 11 -11.06 -4.78 -6.30
CA ILE A 11 -11.04 -3.52 -5.59
C ILE A 11 -11.88 -2.51 -6.31
N GLY A 12 -12.94 -2.04 -5.63
CA GLY A 12 -13.73 -0.94 -6.14
C GLY A 12 -13.14 0.37 -5.65
N VAL A 13 -13.18 1.39 -6.48
CA VAL A 13 -12.57 2.68 -6.16
C VAL A 13 -13.59 3.76 -6.43
N ILE A 14 -13.73 4.71 -5.48
CA ILE A 14 -14.59 5.86 -5.68
C ILE A 14 -13.67 7.06 -5.81
N SER A 15 -13.63 7.72 -6.97
CA SER A 15 -12.66 8.79 -7.25
C SER A 15 -13.18 9.76 -8.27
N LEU A 16 -12.91 11.06 -8.07
CA LEU A 16 -13.19 12.08 -9.08
C LEU A 16 -12.19 12.05 -10.25
N PHE A 17 -11.11 11.31 -10.07
CA PHE A 17 -10.08 11.15 -11.11
C PHE A 17 -9.71 9.70 -11.36
N PRO A 18 -10.65 8.94 -11.91
N PRO A 18 -10.66 8.92 -11.88
CA PRO A 18 -10.42 7.50 -12.07
CA PRO A 18 -10.41 7.48 -12.09
C PRO A 18 -9.26 7.18 -13.02
C PRO A 18 -9.21 7.21 -12.98
N GLU A 19 -8.95 8.10 -13.94
CA GLU A 19 -7.83 7.87 -14.86
C GLU A 19 -6.49 7.84 -14.16
N MET A 20 -6.39 8.41 -12.96
CA MET A 20 -5.14 8.25 -12.19
C MET A 20 -4.77 6.78 -11.99
N PHE A 21 -5.80 5.91 -11.90
CA PHE A 21 -5.52 4.51 -11.58
C PHE A 21 -4.88 3.74 -12.71
N LYS A 22 -4.81 4.32 -13.91
CA LYS A 22 -4.01 3.73 -14.97
C LYS A 22 -2.58 3.54 -14.54
N ALA A 23 -2.12 4.37 -13.62
CA ALA A 23 -0.72 4.23 -13.19
C ALA A 23 -0.45 2.86 -12.60
N ILE A 24 -1.47 2.25 -11.97
CA ILE A 24 -1.20 0.89 -11.52
C ILE A 24 -1.84 -0.16 -12.42
N THR A 25 -2.90 0.17 -13.17
CA THR A 25 -3.55 -0.90 -13.93
C THR A 25 -2.92 -1.14 -15.30
N GLU A 26 -2.07 -0.20 -15.76
CA GLU A 26 -1.48 -0.32 -17.09
C GLU A 26 0.03 -0.59 -17.13
N PHE A 27 0.68 -0.60 -15.99
CA PHE A 27 2.15 -0.69 -15.94
C PHE A 27 2.71 -1.67 -14.91
N GLY A 28 3.80 -2.31 -15.28
CA GLY A 28 4.58 -3.13 -14.37
C GLY A 28 3.84 -4.34 -13.84
N VAL A 29 4.31 -4.79 -12.68
CA VAL A 29 3.79 -5.99 -12.00
C VAL A 29 2.25 -5.89 -11.79
N THR A 30 1.77 -4.74 -11.33
CA THR A 30 0.34 -4.58 -11.06
C THR A 30 -0.42 -4.57 -12.40
N GLY A 31 0.18 -3.97 -13.43
CA GLY A 31 -0.44 -3.98 -14.76
C GLY A 31 -0.61 -5.43 -15.26
N ARG A 32 0.41 -6.26 -15.07
CA ARG A 32 0.31 -7.66 -15.47
CA ARG A 32 0.32 -7.66 -15.45
C ARG A 32 -0.77 -8.35 -14.65
N ALA A 33 -0.81 -8.04 -13.37
CA ALA A 33 -1.83 -8.66 -12.48
C ALA A 33 -3.24 -8.37 -12.98
N VAL A 34 -3.46 -7.15 -13.42
CA VAL A 34 -4.77 -6.76 -13.98
C VAL A 34 -5.03 -7.47 -15.31
N LYS A 35 -4.04 -7.50 -16.21
CA LYS A 35 -4.25 -8.17 -17.47
C LYS A 35 -4.57 -9.67 -17.30
N HIS A 36 -3.94 -10.28 -16.31
CA HIS A 36 -4.10 -11.71 -16.09
C HIS A 36 -5.27 -12.06 -15.15
N ASN A 37 -6.08 -11.06 -14.82
CA ASN A 37 -7.29 -11.27 -13.99
C ASN A 37 -6.98 -11.73 -12.57
N LEU A 38 -5.80 -11.40 -12.07
CA LEU A 38 -5.49 -11.69 -10.68
C LEU A 38 -6.02 -10.58 -9.80
N LEU A 39 -6.09 -9.38 -10.39
CA LEU A 39 -6.51 -8.17 -9.70
C LEU A 39 -7.49 -7.45 -10.59
N LYS A 40 -8.65 -7.04 -10.04
CA LYS A 40 -9.54 -6.21 -10.82
C LYS A 40 -9.76 -4.91 -10.09
N VAL A 41 -9.64 -3.78 -10.78
CA VAL A 41 -9.86 -2.46 -10.17
C VAL A 41 -10.97 -1.80 -10.92
N GLU A 42 -12.06 -1.46 -10.22
CA GLU A 42 -13.25 -0.96 -10.89
C GLU A 42 -13.55 0.39 -10.25
N CYS A 43 -13.73 1.43 -11.08
CA CYS A 43 -13.87 2.80 -10.55
C CYS A 43 -15.25 3.38 -10.81
N TRP A 44 -15.72 4.11 -9.81
CA TRP A 44 -16.94 4.91 -9.94
C TRP A 44 -16.60 6.35 -9.61
N ASN A 45 -17.12 7.28 -10.41
CA ASN A 45 -16.81 8.70 -10.27
C ASN A 45 -18.06 9.45 -9.79
N PRO A 46 -17.99 10.08 -8.61
CA PRO A 46 -19.11 10.88 -8.13
C PRO A 46 -19.65 11.86 -9.17
N ARG A 47 -18.81 12.37 -10.06
CA ARG A 47 -19.30 13.31 -11.07
CA ARG A 47 -19.35 13.34 -11.03
C ARG A 47 -20.43 12.70 -11.90
N ASP A 48 -20.35 11.38 -12.12
CA ASP A 48 -21.37 10.71 -12.92
C ASP A 48 -22.72 10.57 -12.21
N PHE A 49 -22.73 10.86 -10.91
CA PHE A 49 -23.93 10.74 -10.10
C PHE A 49 -24.54 12.09 -9.76
N THR A 50 -24.04 13.16 -10.39
CA THR A 50 -24.62 14.50 -10.25
C THR A 50 -25.83 14.69 -11.16
N PHE A 51 -26.66 15.67 -10.83
CA PHE A 51 -27.83 15.94 -11.66
C PHE A 51 -27.93 17.38 -12.11
N ASP A 52 -27.11 18.26 -11.53
CA ASP A 52 -27.22 19.65 -11.92
C ASP A 52 -26.40 19.89 -13.21
N LYS A 53 -26.70 20.99 -13.89
CA LYS A 53 -26.08 21.26 -15.18
C LYS A 53 -24.55 21.29 -15.14
N HIS A 54 -23.98 21.78 -14.04
CA HIS A 54 -22.53 21.90 -13.99
C HIS A 54 -21.83 20.77 -13.25
N LYS A 55 -22.59 19.73 -12.91
CA LYS A 55 -22.03 18.48 -12.39
C LYS A 55 -21.17 18.73 -11.15
N THR A 56 -21.82 19.40 -10.20
CA THR A 56 -21.14 19.92 -9.02
C THR A 56 -20.81 18.79 -8.04
N VAL A 57 -19.52 18.70 -7.65
CA VAL A 57 -19.12 17.60 -6.79
C VAL A 57 -18.53 18.08 -5.47
N ASP A 58 -18.52 19.39 -5.24
CA ASP A 58 -18.07 19.94 -3.96
C ASP A 58 -19.19 20.71 -3.29
N ASP A 59 -18.96 21.09 -2.04
CA ASP A 59 -20.01 21.79 -1.28
C ASP A 59 -19.33 22.51 -0.10
N ARG A 60 -20.02 23.50 0.46
CA ARG A 60 -19.43 24.40 1.46
C ARG A 60 -19.51 23.73 2.82
N PRO A 61 -18.46 23.88 3.63
CA PRO A 61 -18.53 23.31 4.98
C PRO A 61 -19.38 24.13 5.92
N TYR A 62 -20.20 23.46 6.73
CA TYR A 62 -20.87 24.16 7.81
C TYR A 62 -19.83 24.72 8.78
N GLY A 63 -20.07 25.94 9.25
CA GLY A 63 -19.16 26.57 10.22
C GLY A 63 -18.09 27.37 9.53
N GLY A 64 -18.13 27.31 8.20
CA GLY A 64 -17.30 28.15 7.37
C GLY A 64 -15.86 27.73 7.42
N GLY A 65 -15.00 28.72 7.24
CA GLY A 65 -13.58 28.44 7.13
C GLY A 65 -13.30 28.18 5.67
N PRO A 66 -12.03 27.98 5.33
CA PRO A 66 -11.66 27.87 3.93
C PRO A 66 -11.91 26.46 3.43
N GLY A 67 -11.92 26.33 2.13
CA GLY A 67 -11.95 25.01 1.54
C GLY A 67 -13.38 24.54 1.37
N MET A 68 -13.50 23.52 0.54
CA MET A 68 -14.75 22.85 0.25
C MET A 68 -14.65 21.40 0.70
N LEU A 69 -15.79 20.73 0.84
CA LEU A 69 -15.83 19.30 1.02
C LEU A 69 -16.40 18.64 -0.19
N MET A 70 -16.22 17.33 -0.31
CA MET A 70 -16.97 16.60 -1.33
CA MET A 70 -16.98 16.50 -1.25
C MET A 70 -18.47 16.71 -1.01
N MET A 71 -19.23 16.94 -2.07
CA MET A 71 -20.69 17.01 -1.95
C MET A 71 -21.22 15.63 -1.55
N VAL A 72 -22.12 15.61 -0.57
CA VAL A 72 -22.62 14.32 -0.05
C VAL A 72 -23.39 13.47 -1.08
N GLN A 73 -24.38 14.05 -1.76
CA GLN A 73 -25.28 13.21 -2.55
C GLN A 73 -24.55 12.41 -3.69
N PRO A 74 -23.68 13.07 -4.49
CA PRO A 74 -23.00 12.30 -5.55
C PRO A 74 -22.04 11.25 -4.99
N LEU A 75 -21.37 11.60 -3.90
CA LEU A 75 -20.42 10.67 -3.31
C LEU A 75 -21.12 9.49 -2.68
N ARG A 76 -22.18 9.75 -1.91
CA ARG A 76 -22.98 8.69 -1.29
C ARG A 76 -23.56 7.77 -2.38
N ASP A 77 -24.08 8.37 -3.46
CA ASP A 77 -24.66 7.52 -4.50
C ASP A 77 -23.60 6.65 -5.19
N ALA A 78 -22.42 7.22 -5.44
CA ALA A 78 -21.32 6.43 -6.00
C ALA A 78 -20.94 5.28 -5.07
N ILE A 79 -20.85 5.58 -3.77
CA ILE A 79 -20.51 4.52 -2.83
C ILE A 79 -21.57 3.40 -2.85
N HIS A 80 -22.86 3.78 -2.85
CA HIS A 80 -23.88 2.77 -2.85
C HIS A 80 -23.84 1.91 -4.10
N THR A 81 -23.47 2.52 -5.22
CA THR A 81 -23.42 1.77 -6.47
C THR A 81 -22.27 0.76 -6.42
N ALA A 82 -21.16 1.20 -5.85
CA ALA A 82 -20.01 0.31 -5.72
C ALA A 82 -20.32 -0.86 -4.79
N LYS A 83 -21.01 -0.57 -3.68
CA LYS A 83 -21.42 -1.60 -2.72
C LYS A 83 -22.33 -2.63 -3.36
N ALA A 84 -23.27 -2.18 -4.19
CA ALA A 84 -24.17 -3.11 -4.85
C ALA A 84 -23.43 -4.00 -5.85
N ALA A 85 -22.46 -3.44 -6.55
CA ALA A 85 -21.61 -4.24 -7.45
C ALA A 85 -20.76 -5.26 -6.70
N ALA A 86 -20.31 -4.92 -5.50
CA ALA A 86 -19.37 -5.79 -4.80
C ALA A 86 -20.11 -6.95 -4.19
N GLY A 87 -21.36 -6.69 -3.82
CA GLY A 87 -22.19 -7.71 -3.21
C GLY A 87 -21.75 -7.86 -1.78
N GLU A 88 -21.96 -9.05 -1.21
CA GLU A 88 -21.67 -9.26 0.20
C GLU A 88 -20.18 -9.40 0.48
N GLY A 89 -19.75 -8.87 1.61
CA GLY A 89 -18.40 -9.13 2.10
C GLY A 89 -17.33 -8.09 1.79
N ALA A 90 -17.71 -7.01 1.12
CA ALA A 90 -16.71 -5.99 0.77
C ALA A 90 -16.52 -4.97 1.87
N LYS A 91 -15.29 -4.80 2.31
CA LYS A 91 -14.95 -3.82 3.33
C LYS A 91 -14.71 -2.46 2.65
N VAL A 92 -15.36 -1.42 3.15
CA VAL A 92 -15.21 -0.08 2.62
C VAL A 92 -14.22 0.74 3.42
N ILE A 93 -13.18 1.24 2.75
CA ILE A 93 -12.07 1.91 3.42
C ILE A 93 -12.00 3.35 2.97
N TYR A 94 -11.84 4.29 3.89
CA TYR A 94 -11.53 5.66 3.54
C TYR A 94 -10.07 5.98 3.87
N LEU A 95 -9.36 6.58 2.93
CA LEU A 95 -7.96 6.93 3.12
C LEU A 95 -7.84 8.35 3.63
N SER A 96 -7.21 8.54 4.78
CA SER A 96 -6.99 9.89 5.31
C SER A 96 -5.91 9.87 6.37
N PRO A 97 -5.35 11.03 6.70
CA PRO A 97 -4.35 11.05 7.77
C PRO A 97 -4.89 10.76 9.17
N GLN A 98 -6.22 10.74 9.33
CA GLN A 98 -6.82 10.38 10.60
C GLN A 98 -7.02 8.89 10.74
N GLY A 99 -6.56 8.11 9.76
CA GLY A 99 -6.78 6.68 9.82
C GLY A 99 -5.66 5.91 10.47
N ARG A 100 -5.92 4.62 10.67
CA ARG A 100 -4.91 3.69 11.17
C ARG A 100 -3.69 3.68 10.27
N LYS A 101 -2.51 3.82 10.87
CA LYS A 101 -1.32 3.92 10.03
C LYS A 101 -0.98 2.57 9.37
N LEU A 102 -0.85 2.58 8.05
CA LEU A 102 -0.48 1.38 7.29
C LEU A 102 0.97 0.98 7.54
N ASP A 103 1.19 -0.32 7.77
CA ASP A 103 2.52 -0.92 7.81
C ASP A 103 2.33 -2.31 7.22
N GLN A 104 3.41 -3.08 7.08
CA GLN A 104 3.34 -4.30 6.31
CA GLN A 104 3.33 -4.31 6.32
C GLN A 104 2.41 -5.33 6.97
N GLY A 105 2.37 -5.31 8.30
CA GLY A 105 1.41 -6.15 9.00
C GLY A 105 -0.01 -5.76 8.62
N GLY A 106 -0.30 -4.47 8.59
CA GLY A 106 -1.61 -4.03 8.18
C GLY A 106 -1.92 -4.39 6.72
N VAL A 107 -0.89 -4.32 5.86
CA VAL A 107 -1.09 -4.76 4.48
C VAL A 107 -1.53 -6.24 4.42
N THR A 108 -0.87 -7.08 5.19
CA THR A 108 -1.17 -8.52 5.16
C THR A 108 -2.59 -8.75 5.71
N GLU A 109 -3.03 -7.92 6.65
CA GLU A 109 -4.42 -8.03 7.14
C GLU A 109 -5.41 -7.65 6.07
N LEU A 110 -5.12 -6.55 5.37
CA LEU A 110 -6.03 -6.07 4.35
C LEU A 110 -6.10 -7.04 3.18
N ALA A 111 -4.99 -7.72 2.92
CA ALA A 111 -4.88 -8.65 1.81
C ALA A 111 -5.73 -9.90 2.03
N GLN A 112 -6.27 -10.09 3.23
CA GLN A 112 -7.12 -11.26 3.47
C GLN A 112 -8.51 -11.07 2.91
N ASN A 113 -8.82 -9.85 2.53
CA ASN A 113 -10.13 -9.50 1.96
C ASN A 113 -10.14 -9.80 0.49
N GLN A 114 -11.17 -10.49 0.03
CA GLN A 114 -11.31 -10.74 -1.40
C GLN A 114 -11.86 -9.51 -2.09
N LYS A 115 -12.57 -8.66 -1.35
CA LYS A 115 -13.13 -7.45 -1.92
C LYS A 115 -12.89 -6.26 -1.02
N LEU A 116 -12.50 -5.14 -1.61
CA LEU A 116 -12.34 -3.88 -0.90
C LEU A 116 -12.96 -2.81 -1.73
N ILE A 117 -13.51 -1.78 -1.07
CA ILE A 117 -13.90 -0.57 -1.75
C ILE A 117 -13.13 0.56 -1.14
N LEU A 118 -12.44 1.36 -1.97
CA LEU A 118 -11.59 2.45 -1.48
C LEU A 118 -12.18 3.77 -1.88
N VAL A 119 -12.46 4.61 -0.88
CA VAL A 119 -13.06 5.91 -1.11
C VAL A 119 -11.96 6.98 -1.08
N CYS A 120 -11.81 7.71 -2.19
CA CYS A 120 -10.73 8.69 -2.35
C CYS A 120 -11.25 10.09 -2.14
N GLY A 121 -10.85 10.71 -1.05
CA GLY A 121 -11.28 12.08 -0.78
C GLY A 121 -10.50 13.11 -1.59
N ARG A 122 -11.17 14.21 -1.87
CA ARG A 122 -10.59 15.38 -2.51
C ARG A 122 -11.05 16.60 -1.73
N TYR A 123 -10.53 17.76 -2.10
CA TYR A 123 -10.85 19.04 -1.41
C TYR A 123 -10.38 18.89 0.03
N GLU A 124 -11.20 19.30 1.00
CA GLU A 124 -10.78 19.20 2.39
C GLU A 124 -11.26 17.89 3.02
N GLY A 125 -11.97 17.08 2.26
CA GLY A 125 -12.33 15.73 2.67
C GLY A 125 -13.82 15.49 2.55
N ILE A 126 -14.35 14.60 3.38
CA ILE A 126 -15.77 14.18 3.25
C ILE A 126 -16.50 14.40 4.56
N ASP A 127 -17.82 14.41 4.44
CA ASP A 127 -18.67 14.61 5.58
C ASP A 127 -18.47 13.51 6.64
N GLU A 128 -18.28 13.93 7.88
CA GLU A 128 -18.05 13.00 8.96
C GLU A 128 -19.13 11.93 9.08
N ARG A 129 -20.38 12.28 8.76
CA ARG A 129 -21.48 11.34 8.89
C ARG A 129 -21.39 10.26 7.82
N LEU A 130 -20.75 10.52 6.68
CA LEU A 130 -20.50 9.44 5.69
C LEU A 130 -19.48 8.47 6.24
N ILE A 131 -18.51 8.98 6.99
CA ILE A 131 -17.56 8.06 7.61
C ILE A 131 -18.32 7.18 8.60
N GLN A 132 -19.22 7.76 9.38
CA GLN A 132 -20.01 6.98 10.30
C GLN A 132 -20.89 5.95 9.63
N THR A 133 -21.52 6.30 8.50
CA THR A 133 -22.60 5.47 7.95
C THR A 133 -22.13 4.56 6.78
N GLU A 134 -21.03 4.91 6.14
CA GLU A 134 -20.63 4.17 4.94
C GLU A 134 -19.28 3.51 5.04
N ILE A 135 -18.42 4.01 5.93
CA ILE A 135 -17.02 3.53 5.95
C ILE A 135 -16.83 2.49 7.05
N ASP A 136 -16.16 1.39 6.72
CA ASP A 136 -15.88 0.40 7.73
C ASP A 136 -14.60 0.72 8.50
N GLU A 137 -13.57 1.11 7.77
CA GLU A 137 -12.24 1.39 8.33
C GLU A 137 -11.60 2.59 7.69
N GLU A 138 -10.97 3.42 8.52
CA GLU A 138 -10.13 4.53 8.05
C GLU A 138 -8.66 4.14 8.17
N TRP A 139 -7.91 4.33 7.08
CA TRP A 139 -6.46 4.02 7.04
C TRP A 139 -5.69 5.18 6.49
N SER A 140 -4.49 5.34 6.98
CA SER A 140 -3.50 6.31 6.50
C SER A 140 -2.26 5.62 5.93
N ILE A 141 -1.70 6.15 4.85
CA ILE A 141 -0.43 5.57 4.40
C ILE A 141 0.78 6.24 5.05
N GLY A 142 0.54 7.26 5.86
CA GLY A 142 1.64 7.89 6.59
C GLY A 142 1.29 9.27 7.07
N ASP A 143 2.11 9.82 7.96
CA ASP A 143 1.76 11.07 8.63
C ASP A 143 2.12 12.28 7.77
N TYR A 144 1.39 12.45 6.69
CA TYR A 144 1.58 13.61 5.80
C TYR A 144 0.29 13.84 5.05
N VAL A 145 0.16 15.05 4.52
CA VAL A 145 -1.11 15.46 3.90
C VAL A 145 -0.92 15.56 2.40
N LEU A 146 -1.89 14.98 1.69
CA LEU A 146 -1.87 14.97 0.23
C LEU A 146 -3.09 15.70 -0.33
N THR A 147 -3.07 15.99 -1.63
CA THR A 147 -4.20 16.65 -2.27
C THR A 147 -5.40 15.74 -2.55
N GLY A 148 -5.21 14.43 -2.43
CA GLY A 148 -6.26 13.49 -2.77
C GLY A 148 -5.95 12.14 -2.19
N GLY A 149 -6.99 11.34 -2.02
CA GLY A 149 -6.79 9.97 -1.54
C GLY A 149 -6.44 8.95 -2.63
N GLU A 150 -6.31 9.38 -3.88
CA GLU A 150 -5.98 8.42 -4.94
C GLU A 150 -4.57 7.82 -4.79
N LEU A 151 -3.56 8.65 -4.48
CA LEU A 151 -2.22 8.04 -4.35
C LEU A 151 -2.20 7.08 -3.15
N PRO A 152 -2.81 7.44 -2.00
CA PRO A 152 -2.92 6.44 -0.91
C PRO A 152 -3.63 5.18 -1.37
N ALA A 153 -4.73 5.31 -2.11
CA ALA A 153 -5.45 4.12 -2.55
C ALA A 153 -4.57 3.27 -3.46
N MET A 154 -3.85 3.89 -4.37
CA MET A 154 -3.02 3.10 -5.27
C MET A 154 -1.89 2.43 -4.53
N THR A 155 -1.34 3.14 -3.54
CA THR A 155 -0.28 2.58 -2.69
C THR A 155 -0.79 1.35 -1.98
N LEU A 156 -1.99 1.44 -1.40
CA LEU A 156 -2.58 0.28 -0.75
CA LEU A 156 -2.57 0.27 -0.75
C LEU A 156 -2.78 -0.88 -1.73
N ILE A 157 -3.38 -0.57 -2.89
CA ILE A 157 -3.59 -1.61 -3.89
C ILE A 157 -2.27 -2.29 -4.29
N ASP A 158 -1.22 -1.51 -4.55
CA ASP A 158 0.06 -2.08 -4.94
C ASP A 158 0.61 -2.99 -3.84
N ALA A 159 0.54 -2.52 -2.59
CA ALA A 159 1.07 -3.28 -1.47
C ALA A 159 0.33 -4.61 -1.27
N VAL A 160 -1.00 -4.57 -1.36
CA VAL A 160 -1.76 -5.82 -1.15
CA VAL A 160 -1.80 -5.77 -1.19
C VAL A 160 -1.65 -6.75 -2.37
N ALA A 161 -1.49 -6.19 -3.55
CA ALA A 161 -1.38 -7.02 -4.76
C ALA A 161 -0.20 -7.96 -4.69
N ARG A 162 0.86 -7.53 -4.00
CA ARG A 162 2.04 -8.38 -3.86
C ARG A 162 1.76 -9.69 -3.12
N PHE A 163 0.64 -9.72 -2.39
CA PHE A 163 0.27 -10.94 -1.65
C PHE A 163 -0.65 -11.86 -2.42
N ILE A 164 -1.16 -11.41 -3.56
CA ILE A 164 -1.98 -12.27 -4.41
C ILE A 164 -1.14 -13.31 -5.11
N PRO A 165 -1.47 -14.59 -4.95
CA PRO A 165 -0.64 -15.62 -5.59
C PRO A 165 -0.62 -15.44 -7.09
N GLY A 166 0.57 -15.50 -7.66
CA GLY A 166 0.73 -15.36 -9.10
C GLY A 166 1.22 -13.98 -9.52
N VAL A 167 1.08 -13.00 -8.64
CA VAL A 167 1.43 -11.63 -9.00
C VAL A 167 2.95 -11.46 -9.00
N LEU A 168 3.61 -11.97 -7.98
CA LEU A 168 5.09 -11.97 -7.99
C LEU A 168 5.62 -13.20 -8.69
N GLY A 169 6.83 -13.10 -9.25
CA GLY A 169 7.48 -14.25 -9.87
C GLY A 169 7.90 -15.27 -8.84
N SER A 178 13.07 -8.25 2.66
CA SER A 178 13.48 -8.74 3.97
C SER A 178 12.50 -8.30 5.06
N PHE A 179 11.46 -7.59 4.66
CA PHE A 179 10.44 -7.13 5.61
C PHE A 179 9.65 -8.31 6.19
N ALA A 180 9.81 -9.48 5.59
CA ALA A 180 9.14 -10.71 6.05
C ALA A 180 9.50 -11.03 7.50
N ASP A 181 10.74 -10.78 7.90
CA ASP A 181 11.07 -11.00 9.31
C ASP A 181 11.17 -9.69 10.07
N GLY A 182 10.68 -8.59 9.49
CA GLY A 182 10.54 -7.36 10.24
C GLY A 182 11.81 -6.50 10.22
N LEU A 183 12.75 -6.94 9.41
CA LEU A 183 14.03 -6.23 9.22
C LEU A 183 14.12 -5.45 7.92
N LEU A 184 14.98 -4.42 7.89
CA LEU A 184 15.27 -3.74 6.63
C LEU A 184 16.02 -4.67 5.71
N ASP A 185 15.91 -4.41 4.41
CA ASP A 185 16.57 -5.21 3.39
C ASP A 185 18.10 -5.09 3.48
N CYS A 186 18.78 -6.13 3.03
CA CYS A 186 20.24 -6.09 2.89
C CYS A 186 20.64 -5.34 1.61
N PRO A 187 21.90 -4.91 1.53
CA PRO A 187 22.40 -4.36 0.26
C PRO A 187 22.41 -5.40 -0.83
N HIS A 188 22.19 -4.93 -2.07
CA HIS A 188 22.15 -5.77 -3.27
C HIS A 188 23.21 -5.26 -4.22
N TYR A 189 23.81 -6.19 -4.97
CA TYR A 189 24.81 -5.82 -5.98
C TYR A 189 24.59 -6.52 -7.29
N THR A 190 24.92 -5.83 -8.38
CA THR A 190 24.90 -6.51 -9.67
C THR A 190 26.14 -6.04 -10.45
N ARG A 191 26.23 -6.40 -11.72
CA ARG A 191 27.41 -6.00 -12.52
C ARG A 191 27.53 -4.48 -12.58
N PRO A 192 28.74 -3.96 -12.66
CA PRO A 192 30.04 -4.62 -12.75
C PRO A 192 30.67 -4.95 -11.42
N GLU A 193 31.71 -5.78 -11.44
CA GLU A 193 32.32 -6.16 -10.18
C GLU A 193 32.92 -4.95 -9.45
N VAL A 194 33.43 -3.97 -10.20
CA VAL A 194 33.97 -2.75 -9.60
C VAL A 194 33.26 -1.53 -10.21
N LEU A 195 32.74 -0.66 -9.35
CA LEU A 195 31.97 0.50 -9.77
C LEU A 195 32.48 1.75 -9.04
N GLU A 196 33.12 2.67 -9.76
CA GLU A 196 33.77 3.84 -9.17
C GLU A 196 34.65 3.46 -7.98
N GLY A 197 35.42 2.40 -8.20
CA GLY A 197 36.37 1.93 -7.21
C GLY A 197 35.78 1.08 -6.09
N LEU A 198 34.46 0.92 -6.07
CA LEU A 198 33.76 0.16 -5.05
C LEU A 198 33.54 -1.27 -5.53
N THR A 199 33.99 -2.23 -4.74
CA THR A 199 33.96 -3.63 -5.14
C THR A 199 32.77 -4.35 -4.52
N VAL A 200 32.31 -5.41 -5.18
CA VAL A 200 31.29 -6.28 -4.59
C VAL A 200 31.91 -7.08 -3.44
N PRO A 201 31.24 -7.12 -2.28
CA PRO A 201 31.72 -8.00 -1.19
C PRO A 201 32.05 -9.41 -1.69
N PRO A 202 33.29 -9.87 -1.46
CA PRO A 202 33.74 -11.18 -1.93
C PRO A 202 32.83 -12.36 -1.56
N VAL A 203 32.13 -12.26 -0.42
CA VAL A 203 31.27 -13.35 -0.02
C VAL A 203 30.19 -13.61 -1.08
N LEU A 204 29.68 -12.53 -1.70
CA LEU A 204 28.64 -12.71 -2.71
C LEU A 204 29.13 -13.35 -4.00
N MET A 205 30.47 -13.41 -4.18
CA MET A 205 31.07 -14.05 -5.37
C MET A 205 31.53 -15.47 -5.11
N SER A 206 31.41 -15.89 -3.86
CA SER A 206 32.02 -17.12 -3.36
C SER A 206 31.23 -18.36 -3.73
N GLY A 207 29.95 -18.18 -4.03
CA GLY A 207 29.08 -19.32 -4.31
C GLY A 207 28.79 -20.16 -3.08
N HIS A 208 29.09 -19.65 -1.90
CA HIS A 208 28.80 -20.39 -0.65
C HIS A 208 27.45 -19.94 -0.14
N HIS A 209 26.41 -20.75 -0.38
CA HIS A 209 25.06 -20.26 -0.17
C HIS A 209 24.78 -19.96 1.28
N GLU A 210 25.38 -20.73 2.18
CA GLU A 210 25.14 -20.53 3.60
C GLU A 210 25.87 -19.29 4.11
N GLU A 211 27.11 -19.07 3.68
CA GLU A 211 27.80 -17.83 4.07
C GLU A 211 27.08 -16.62 3.52
N ILE A 212 26.58 -16.71 2.28
CA ILE A 212 25.84 -15.58 1.70
C ILE A 212 24.58 -15.29 2.50
N ARG A 213 23.86 -16.33 2.89
CA ARG A 213 22.63 -16.15 3.67
C ARG A 213 22.95 -15.42 4.98
N LYS A 214 24.00 -15.88 5.64
CA LYS A 214 24.34 -15.30 6.93
C LYS A 214 24.84 -13.86 6.78
N TRP A 215 25.61 -13.58 5.73
CA TRP A 215 26.04 -12.20 5.47
C TRP A 215 24.84 -11.28 5.25
N ARG A 216 23.90 -11.71 4.43
CA ARG A 216 22.74 -10.90 4.16
C ARG A 216 21.90 -10.64 5.41
N LEU A 217 21.76 -11.66 6.23
CA LEU A 217 20.98 -11.54 7.48
C LEU A 217 21.69 -10.60 8.45
N LYS A 218 23.00 -10.74 8.56
CA LYS A 218 23.79 -9.85 9.40
C LYS A 218 23.68 -8.41 8.93
N GLN A 219 23.76 -8.20 7.62
CA GLN A 219 23.59 -6.85 7.10
C GLN A 219 22.22 -6.27 7.39
N SER A 220 21.17 -7.08 7.25
CA SER A 220 19.81 -6.63 7.55
C SER A 220 19.71 -6.25 9.01
N LEU A 221 20.30 -7.07 9.89
CA LEU A 221 20.26 -6.75 11.32
C LEU A 221 21.03 -5.48 11.62
N GLN A 222 22.23 -5.35 11.05
CA GLN A 222 23.01 -4.14 11.25
C GLN A 222 22.31 -2.89 10.75
N ARG A 223 21.73 -2.98 9.56
CA ARG A 223 21.05 -1.83 8.97
CA ARG A 223 21.04 -1.83 8.95
C ARG A 223 19.82 -1.45 9.78
N THR A 224 19.12 -2.46 10.28
CA THR A 224 17.92 -2.15 11.09
C THR A 224 18.36 -1.50 12.39
N TRP A 225 19.40 -2.03 13.02
CA TRP A 225 19.92 -1.43 14.24
C TRP A 225 20.37 0.03 14.07
N LEU A 226 21.09 0.31 13.00
CA LEU A 226 21.63 1.65 12.80
C LEU A 226 20.57 2.67 12.40
N ARG A 227 19.62 2.25 11.58
CA ARG A 227 18.69 3.19 10.96
C ARG A 227 17.35 3.24 11.64
N ARG A 228 16.91 2.08 12.11
CA ARG A 228 15.56 1.92 12.67
C ARG A 228 15.57 1.02 13.91
N PRO A 229 16.29 1.43 14.96
CA PRO A 229 16.48 0.53 16.11
C PRO A 229 15.17 0.13 16.79
N GLU A 230 14.16 0.99 16.71
CA GLU A 230 12.89 0.72 17.35
C GLU A 230 12.25 -0.53 16.74
N LEU A 231 12.55 -0.79 15.47
CA LEU A 231 11.98 -1.97 14.80
C LEU A 231 12.47 -3.28 15.44
N LEU A 232 13.70 -3.28 15.95
CA LEU A 232 14.22 -4.45 16.67
C LEU A 232 13.49 -4.77 17.97
N GLU A 233 12.97 -3.74 18.63
CA GLU A 233 12.25 -3.93 19.89
C GLU A 233 11.01 -4.80 19.70
N GLY A 234 10.51 -4.83 18.47
CA GLY A 234 9.26 -5.52 18.18
C GLY A 234 9.47 -6.98 17.80
N LEU A 235 10.72 -7.42 17.81
CA LEU A 235 11.05 -8.75 17.32
C LEU A 235 11.56 -9.61 18.45
N ALA A 236 11.29 -10.90 18.29
CA ALA A 236 11.87 -11.92 19.13
C ALA A 236 12.97 -12.58 18.29
N LEU A 237 14.20 -12.11 18.43
CA LEU A 237 15.26 -12.59 17.56
C LEU A 237 15.59 -14.06 17.80
N THR A 238 15.90 -14.78 16.72
CA THR A 238 16.37 -16.16 16.86
C THR A 238 17.78 -16.15 17.43
N ASP A 239 18.25 -17.31 17.93
CA ASP A 239 19.61 -17.41 18.47
C ASP A 239 20.62 -16.92 17.42
N GLU A 240 20.43 -17.33 16.18
CA GLU A 240 21.34 -16.92 15.10
C GLU A 240 21.29 -15.41 14.91
N GLN A 241 20.10 -14.84 14.93
CA GLN A 241 19.98 -13.41 14.72
C GLN A 241 20.61 -12.64 15.87
N ARG A 242 20.44 -13.12 17.11
CA ARG A 242 21.10 -12.47 18.25
C ARG A 242 22.63 -12.47 18.08
N LYS A 243 23.17 -13.61 17.66
CA LYS A 243 24.63 -13.76 17.46
C LYS A 243 25.10 -12.80 16.39
N LEU A 244 24.43 -12.79 15.24
CA LEU A 244 24.88 -11.96 14.13
C LEU A 244 24.74 -10.49 14.45
N LEU A 245 23.66 -10.11 15.16
CA LEU A 245 23.55 -8.72 15.58
C LEU A 245 24.66 -8.32 16.56
N LYS A 246 24.98 -9.18 17.54
CA LYS A 246 26.07 -8.89 18.45
C LYS A 246 27.36 -8.75 17.68
N GLU A 247 27.54 -9.57 16.64
CA GLU A 247 28.78 -9.50 15.85
C GLU A 247 28.83 -8.13 15.17
N ALA A 248 27.71 -7.74 14.57
CA ALA A 248 27.63 -6.48 13.84
C ALA A 248 27.89 -5.30 14.76
N GLN A 249 27.30 -5.33 15.94
CA GLN A 249 27.49 -4.26 16.89
C GLN A 249 28.95 -4.19 17.38
N ALA A 250 29.60 -5.34 17.57
CA ALA A 250 31.00 -5.33 18.00
C ALA A 250 31.92 -4.76 16.92
N GLU A 251 31.64 -5.11 15.67
CA GLU A 251 32.44 -4.62 14.56
C GLU A 251 32.27 -3.13 14.37
N HIS A 252 31.02 -2.68 14.42
CA HIS A 252 30.72 -1.25 14.33
C HIS A 252 31.47 -0.48 15.41
N ASN A 253 31.57 -1.09 16.59
CA ASN A 253 32.20 -0.49 17.76
C ASN A 253 33.73 -0.63 17.83
N SER A 254 34.30 -1.45 16.96
CA SER A 254 35.73 -1.74 17.09
C SER A 254 36.58 -0.69 16.35
C2 4GO B . -4.84 10.24 2.72
C3 4GO B . -5.64 11.20 2.09
C10 4GO B . -3.16 11.95 3.02
C1 4GO B . -3.58 10.64 3.20
C4 4GO B . -5.14 12.55 1.98
C 4GO B . -2.79 9.64 3.90
N2 4GO B . -3.85 12.93 2.43
N 4GO B . -1.68 10.11 4.58
N1 4GO B . -5.86 13.62 1.52
O 4GO B . -3.04 8.42 3.87
C7 4GO B . -8.66 14.38 2.84
C7 4GO B . -8.86 14.56 2.61
C8 4GO B . -8.34 15.52 1.88
C8 4GO B . -9.00 15.19 1.27
C6 4GO B . -8.24 13.09 2.16
C6 4GO B . -8.15 13.25 2.39
C9 4GO B . -7.73 14.90 0.62
C9 4GO B . -7.74 14.80 0.49
C5 4GO B . -7.27 13.52 1.06
C5 4GO B . -7.28 13.49 1.13
#